data_7U5V
#
_entry.id   7U5V
#
_cell.length_a   54.480
_cell.length_b   54.480
_cell.length_c   105.630
_cell.angle_alpha   90.000
_cell.angle_beta   90.000
_cell.angle_gamma   120.000
#
_symmetry.space_group_name_H-M   'P 32 2 1'
#
loop_
_entity.id
_entity.type
_entity.pdbx_description
1 polymer 'Histone-lysine N-methyltransferase 2A'
2 polymer Borealin
3 non-polymer 'ZINC ION'
4 non-polymer S-ADENOSYL-L-HOMOCYSTEINE
#
loop_
_entity_poly.entity_id
_entity_poly.type
_entity_poly.pdbx_seq_one_letter_code
_entity_poly.pdbx_strand_id
1 'polypeptide(L)'
;SMDLPMPMRFRALAAASAAAVGVYRSPIHGRGLFCKRNIDAGEMVIEYAGNVIRSIQTDKREKYYDSKGIGCYMFRIDDS
EVVDATMHGNAARFINHSCEPNCYSRVINIDGQKHIVIFAMRKIYRGEELTYDYAFPIEDASNKLPCNCGAKKCRKFLN
;
A
2 'polypeptide(L)' LQTARV(MLZ)RC C
#
# COMPACT_ATOMS: atom_id res chain seq x y z
N ALA A 12 -6.34 -14.28 -8.70
CA ALA A 12 -6.29 -13.26 -7.66
C ALA A 12 -5.11 -13.54 -6.74
N LEU A 13 -5.04 -12.82 -5.60
CA LEU A 13 -3.90 -12.95 -4.72
C LEU A 13 -4.22 -12.73 -3.25
N ALA A 14 -5.50 -12.55 -2.88
CA ALA A 14 -5.80 -12.35 -1.47
C ALA A 14 -5.26 -13.49 -0.63
N ALA A 15 -5.29 -14.71 -1.18
CA ALA A 15 -4.67 -15.85 -0.51
C ALA A 15 -3.16 -15.67 -0.46
N ALA A 16 -2.53 -15.64 -1.64
CA ALA A 16 -1.06 -15.67 -1.72
C ALA A 16 -0.39 -14.63 -0.82
N SER A 17 -1.01 -13.46 -0.63
CA SER A 17 -0.31 -12.32 -0.04
C SER A 17 0.12 -12.60 1.40
N ALA A 18 -0.76 -13.19 2.22
CA ALA A 18 -0.40 -13.44 3.61
C ALA A 18 0.81 -14.34 3.71
N ALA A 19 0.99 -15.24 2.74
CA ALA A 19 2.14 -16.13 2.76
C ALA A 19 3.39 -15.46 2.18
N ALA A 20 3.24 -14.34 1.47
CA ALA A 20 4.38 -13.72 0.82
C ALA A 20 4.99 -12.56 1.60
N VAL A 21 4.18 -11.76 2.30
CA VAL A 21 4.68 -10.54 2.93
C VAL A 21 4.26 -10.50 4.40
N GLY A 22 5.00 -9.71 5.18
CA GLY A 22 4.68 -9.54 6.58
C GLY A 22 5.09 -8.16 7.06
N VAL A 23 4.55 -7.79 8.22
CA VAL A 23 4.75 -6.46 8.80
C VAL A 23 5.69 -6.59 9.97
N TYR A 24 6.79 -5.84 9.93
CA TYR A 24 7.78 -5.80 11.01
C TYR A 24 8.37 -4.40 11.08
N ARG A 25 9.31 -4.18 11.99
CA ARG A 25 9.92 -2.88 12.15
C ARG A 25 10.86 -2.59 10.97
N SER A 26 10.88 -1.33 10.53
CA SER A 26 11.65 -0.91 9.35
C SER A 26 12.67 0.17 9.68
N PRO A 27 13.92 0.04 9.24
CA PRO A 27 14.90 1.11 9.48
C PRO A 27 14.62 2.35 8.68
N ILE A 28 13.61 2.31 7.80
CA ILE A 28 13.26 3.52 7.07
C ILE A 28 12.41 4.42 7.95
N HIS A 29 11.29 3.88 8.42
CA HIS A 29 10.41 4.56 9.35
C HIS A 29 9.36 3.57 9.86
N GLY A 30 9.13 3.53 11.17
CA GLY A 30 7.93 2.89 11.72
C GLY A 30 7.90 1.39 11.48
N ARG A 31 6.75 0.92 11.04
CA ARG A 31 6.68 -0.45 10.53
C ARG A 31 6.71 -0.39 9.01
N GLY A 32 7.17 -1.50 8.43
CA GLY A 32 7.19 -1.64 6.99
C GLY A 32 6.70 -3.02 6.62
N LEU A 33 6.53 -3.22 5.31
CA LEU A 33 6.13 -4.49 4.73
C LEU A 33 7.37 -5.22 4.22
N PHE A 34 7.58 -6.42 4.68
CA PHE A 34 8.77 -7.13 4.26
C PHE A 34 8.37 -8.40 3.54
N CYS A 35 9.33 -8.94 2.85
CA CYS A 35 9.15 -10.10 2.01
C CYS A 35 9.41 -11.36 2.83
N LYS A 36 8.47 -12.32 2.80
CA LYS A 36 8.60 -13.58 3.51
C LYS A 36 9.15 -14.70 2.63
N ARG A 37 8.93 -14.62 1.32
CA ARG A 37 9.43 -15.57 0.35
C ARG A 37 9.84 -14.80 -0.89
N ASN A 38 10.72 -15.39 -1.69
CA ASN A 38 11.14 -14.68 -2.90
C ASN A 38 9.94 -14.38 -3.78
N ILE A 39 9.91 -13.15 -4.34
CA ILE A 39 8.85 -12.68 -5.22
C ILE A 39 9.44 -12.35 -6.58
N ASP A 40 8.85 -12.92 -7.63
CA ASP A 40 9.37 -12.74 -8.98
C ASP A 40 9.05 -11.35 -9.51
N ALA A 41 10.02 -10.78 -10.25
CA ALA A 41 9.73 -9.57 -11.00
C ALA A 41 8.51 -9.80 -11.88
N GLY A 42 7.57 -8.87 -11.87
CA GLY A 42 6.29 -9.01 -12.51
C GLY A 42 5.16 -9.47 -11.60
N GLU A 43 5.48 -10.14 -10.50
CA GLU A 43 4.46 -10.75 -9.67
C GLU A 43 3.61 -9.69 -8.99
N MET A 44 2.31 -9.94 -8.93
CA MET A 44 1.45 -9.14 -8.04
C MET A 44 1.81 -9.47 -6.61
N VAL A 45 2.23 -8.48 -5.84
CA VAL A 45 2.60 -8.76 -4.46
C VAL A 45 1.40 -8.66 -3.53
N ILE A 46 0.62 -7.58 -3.63
CA ILE A 46 -0.47 -7.33 -2.68
C ILE A 46 -1.36 -6.21 -3.23
N GLU A 47 -2.56 -6.10 -2.69
CA GLU A 47 -3.46 -5.00 -2.97
C GLU A 47 -3.37 -3.93 -1.88
N TYR A 48 -3.66 -2.69 -2.26
CA TYR A 48 -3.79 -1.61 -1.30
C TYR A 48 -5.26 -1.50 -0.93
N ALA A 49 -5.68 -2.39 -0.04
CA ALA A 49 -7.07 -2.48 0.40
C ALA A 49 -7.57 -1.17 1.01
N GLY A 50 -8.80 -0.81 0.68
CA GLY A 50 -9.42 0.35 1.28
C GLY A 50 -10.66 0.76 0.50
N ASN A 51 -11.12 1.98 0.78
CA ASN A 51 -12.28 2.56 0.11
C ASN A 51 -11.86 3.75 -0.70
N VAL A 52 -12.33 3.81 -1.96
CA VAL A 52 -12.12 4.98 -2.79
C VAL A 52 -12.98 6.13 -2.30
N ILE A 53 -12.36 7.19 -1.81
CA ILE A 53 -13.08 8.39 -1.40
C ILE A 53 -12.61 9.53 -2.29
N ARG A 54 -13.44 10.57 -2.36
CA ARG A 54 -13.09 11.71 -3.19
C ARG A 54 -12.02 12.54 -2.46
N SER A 55 -11.00 12.96 -3.21
CA SER A 55 -9.85 13.58 -2.54
C SER A 55 -10.20 14.90 -1.87
N ILE A 56 -11.39 15.45 -2.10
CA ILE A 56 -11.82 16.64 -1.38
C ILE A 56 -12.11 16.30 0.08
N GLN A 57 -12.34 15.03 0.40
CA GLN A 57 -12.62 14.61 1.77
C GLN A 57 -11.41 14.10 2.54
N THR A 58 -10.21 14.10 1.97
CA THR A 58 -9.09 13.61 2.76
C THR A 58 -8.79 14.55 3.91
N ASP A 59 -8.91 15.86 3.67
CA ASP A 59 -8.62 16.84 4.71
C ASP A 59 -9.46 16.59 5.95
N LYS A 60 -10.79 16.48 5.77
CA LYS A 60 -11.67 16.34 6.92
C LYS A 60 -11.52 14.98 7.59
N ARG A 61 -11.46 13.91 6.80
CA ARG A 61 -11.31 12.59 7.40
C ARG A 61 -10.06 12.52 8.24
N GLU A 62 -8.96 13.09 7.74
CA GLU A 62 -7.72 13.08 8.46
C GLU A 62 -7.85 13.86 9.78
N LYS A 63 -8.57 15.00 9.75
CA LYS A 63 -8.89 15.68 11.01
C LYS A 63 -9.56 14.70 11.96
N TYR A 64 -10.59 14.00 11.49
CA TYR A 64 -11.32 13.10 12.36
C TYR A 64 -10.36 12.08 12.98
N TYR A 65 -9.60 11.37 12.15
CA TYR A 65 -8.70 10.32 12.64
C TYR A 65 -7.67 10.88 13.63
N ASP A 66 -7.03 12.00 13.29
CA ASP A 66 -6.05 12.58 14.19
C ASP A 66 -6.67 12.90 15.55
N SER A 67 -7.93 13.32 15.57
CA SER A 67 -8.54 13.71 16.84
C SER A 67 -8.83 12.49 17.71
N LYS A 68 -9.04 11.32 17.08
CA LYS A 68 -9.33 10.09 17.76
C LYS A 68 -8.09 9.23 17.98
N GLY A 69 -6.90 9.74 17.67
CA GLY A 69 -5.71 8.94 17.83
C GLY A 69 -5.67 7.68 16.98
N ILE A 70 -6.39 7.65 15.86
CA ILE A 70 -6.26 6.58 14.88
C ILE A 70 -5.14 6.98 13.92
N GLY A 71 -4.25 6.06 13.58
CA GLY A 71 -3.29 6.34 12.52
C GLY A 71 -3.98 6.38 11.16
N CYS A 72 -3.70 7.42 10.39
CA CYS A 72 -4.35 7.60 9.10
C CYS A 72 -3.47 6.99 8.00
N TYR A 73 -4.09 6.17 7.13
CA TYR A 73 -3.41 5.62 5.98
C TYR A 73 -4.23 5.89 4.72
N MET A 74 -3.63 6.56 3.75
CA MET A 74 -4.29 6.96 2.51
C MET A 74 -3.34 6.83 1.34
N PHE A 75 -3.88 6.43 0.18
CA PHE A 75 -3.07 6.26 -1.03
C PHE A 75 -3.68 7.08 -2.15
N ARG A 76 -2.88 7.95 -2.76
CA ARG A 76 -3.37 8.90 -3.76
C ARG A 76 -3.51 8.20 -5.09
N ILE A 77 -4.75 7.99 -5.54
CA ILE A 77 -4.96 7.47 -6.88
C ILE A 77 -4.62 8.53 -7.91
N ASP A 78 -5.23 9.71 -7.78
CA ASP A 78 -4.94 10.86 -8.61
C ASP A 78 -5.48 12.12 -7.89
N ASP A 79 -5.65 13.19 -8.64
CA ASP A 79 -6.03 14.48 -8.08
C ASP A 79 -7.50 14.57 -7.69
N SER A 80 -8.24 13.45 -7.59
CA SER A 80 -9.65 13.53 -7.25
C SER A 80 -10.15 12.31 -6.48
N GLU A 81 -9.32 11.26 -6.39
CA GLU A 81 -9.67 10.07 -5.62
C GLU A 81 -8.44 9.54 -4.88
N VAL A 82 -8.65 9.16 -3.62
CA VAL A 82 -7.60 8.48 -2.87
C VAL A 82 -8.20 7.21 -2.26
N VAL A 83 -7.34 6.27 -1.91
CA VAL A 83 -7.78 5.06 -1.21
C VAL A 83 -7.49 5.26 0.26
N ASP A 84 -8.54 5.28 1.06
CA ASP A 84 -8.46 5.40 2.51
C ASP A 84 -8.34 3.99 3.10
N ALA A 85 -7.21 3.70 3.74
CA ALA A 85 -6.94 2.39 4.31
C ALA A 85 -6.93 2.41 5.84
N THR A 86 -7.33 3.54 6.46
CA THR A 86 -7.39 3.66 7.92
C THR A 86 -8.26 2.58 8.55
N MET A 87 -9.48 2.41 8.06
CA MET A 87 -10.42 1.51 8.70
C MET A 87 -10.53 0.14 8.02
N HIS A 88 -10.37 0.07 6.68
CA HIS A 88 -10.51 -1.19 5.94
C HIS A 88 -9.30 -1.46 5.07
N GLY A 89 -8.10 -1.24 5.57
CA GLY A 89 -6.91 -1.56 4.85
C GLY A 89 -6.42 -2.97 5.13
N ASN A 90 -5.18 -3.21 4.73
CA ASN A 90 -4.50 -4.46 4.97
C ASN A 90 -3.03 -4.16 5.10
N ALA A 91 -2.19 -5.18 4.98
CA ALA A 91 -0.77 -4.99 5.27
C ALA A 91 -0.13 -4.02 4.30
N ALA A 92 -0.75 -3.79 3.13
CA ALA A 92 -0.09 -2.89 2.19
C ALA A 92 -0.03 -1.45 2.66
N ARG A 93 -0.70 -1.10 3.75
CA ARG A 93 -0.62 0.29 4.12
C ARG A 93 0.67 0.61 4.85
N PHE A 94 1.46 -0.40 5.16
CA PHE A 94 2.73 -0.18 5.83
C PHE A 94 3.90 -0.08 4.87
N ILE A 95 3.66 -0.15 3.57
CA ILE A 95 4.74 -0.06 2.58
C ILE A 95 5.34 1.34 2.62
N ASN A 96 6.64 1.43 2.94
CA ASN A 96 7.31 2.72 3.05
C ASN A 96 7.81 3.17 1.68
N HIS A 97 8.19 4.44 1.61
CA HIS A 97 8.66 5.07 0.38
C HIS A 97 10.17 4.95 0.20
N SER A 98 10.58 4.87 -1.06
CA SER A 98 11.99 4.92 -1.45
C SER A 98 12.07 5.47 -2.86
N CYS A 99 13.09 6.28 -3.14
CA CYS A 99 13.33 6.79 -4.48
C CYS A 99 14.13 5.84 -5.36
N GLU A 100 14.65 4.75 -4.82
CA GLU A 100 15.14 3.61 -5.61
C GLU A 100 14.34 2.39 -5.13
N PRO A 101 13.06 2.31 -5.49
CA PRO A 101 12.17 1.30 -4.93
C PRO A 101 12.34 -0.04 -5.62
N ASN A 102 11.55 -1.01 -5.17
CA ASN A 102 11.46 -2.28 -5.86
C ASN A 102 10.00 -2.66 -6.11
N CYS A 103 9.08 -1.71 -6.01
CA CYS A 103 7.69 -1.96 -6.33
C CYS A 103 7.10 -0.74 -7.01
N TYR A 104 5.89 -0.91 -7.55
CA TYR A 104 5.15 0.23 -8.06
C TYR A 104 3.67 -0.07 -7.95
N SER A 105 2.88 0.98 -7.79
CA SER A 105 1.43 0.87 -7.82
C SER A 105 0.94 0.87 -9.25
N ARG A 106 -0.15 0.16 -9.49
CA ARG A 106 -0.92 0.31 -10.71
C ARG A 106 -2.40 0.23 -10.35
N VAL A 107 -3.20 1.13 -10.89
CA VAL A 107 -4.64 1.05 -10.77
C VAL A 107 -5.17 0.04 -11.79
N ILE A 108 -5.84 -1.02 -11.32
CA ILE A 108 -6.39 -2.00 -12.23
C ILE A 108 -7.89 -2.09 -12.05
N ASN A 109 -8.53 -2.76 -13.01
CA ASN A 109 -9.97 -2.79 -13.19
C ASN A 109 -10.40 -4.24 -13.28
N ILE A 110 -11.15 -4.72 -12.29
CA ILE A 110 -11.60 -6.12 -12.29
C ILE A 110 -13.12 -6.09 -12.26
N ASP A 111 -13.73 -6.50 -13.37
CA ASP A 111 -15.17 -6.58 -13.50
C ASP A 111 -15.85 -5.22 -13.22
N GLY A 112 -15.10 -4.12 -13.25
CA GLY A 112 -15.68 -2.79 -13.16
C GLY A 112 -15.21 -1.98 -11.98
N GLN A 113 -14.45 -2.57 -11.07
CA GLN A 113 -14.01 -1.90 -9.85
C GLN A 113 -12.52 -1.57 -9.98
N LYS A 114 -12.16 -0.34 -9.60
CA LYS A 114 -10.77 0.06 -9.41
C LYS A 114 -10.12 -0.78 -8.33
N HIS A 115 -8.81 -0.96 -8.43
CA HIS A 115 -8.02 -1.62 -7.39
C HIS A 115 -6.59 -1.09 -7.49
N ILE A 116 -6.00 -0.73 -6.36
CA ILE A 116 -4.58 -0.40 -6.33
C ILE A 116 -3.81 -1.67 -6.01
N VAL A 117 -3.00 -2.14 -6.97
CA VAL A 117 -2.23 -3.35 -6.79
C VAL A 117 -0.74 -3.03 -6.88
N ILE A 118 0.03 -3.60 -5.96
CA ILE A 118 1.47 -3.41 -5.87
C ILE A 118 2.17 -4.52 -6.63
N PHE A 119 3.00 -4.15 -7.61
CA PHE A 119 3.79 -5.09 -8.39
C PHE A 119 5.27 -4.98 -8.04
N ALA A 120 6.00 -6.07 -8.22
CA ALA A 120 7.44 -6.07 -7.99
C ALA A 120 8.19 -5.66 -9.25
N MET A 121 9.10 -4.68 -9.10
CA MET A 121 9.93 -4.17 -10.20
C MET A 121 11.04 -5.15 -10.56
N ARG A 122 11.78 -5.59 -9.57
CA ARG A 122 12.80 -6.62 -9.70
C ARG A 122 12.32 -7.83 -8.92
N LYS A 123 13.08 -8.90 -8.98
CA LYS A 123 12.85 -9.95 -8.00
C LYS A 123 13.23 -9.44 -6.61
N ILE A 124 12.42 -9.79 -5.61
CA ILE A 124 12.64 -9.44 -4.22
C ILE A 124 13.03 -10.70 -3.46
N TYR A 125 13.92 -10.56 -2.49
CA TYR A 125 14.39 -11.69 -1.69
C TYR A 125 13.93 -11.62 -0.25
N ARG A 126 13.69 -12.81 0.32
CA ARG A 126 13.44 -12.99 1.75
C ARG A 126 14.12 -11.94 2.60
N GLY A 127 13.32 -11.22 3.40
CA GLY A 127 13.84 -10.29 4.38
C GLY A 127 13.99 -8.88 3.89
N GLU A 128 13.76 -8.67 2.61
CA GLU A 128 13.92 -7.37 1.99
C GLU A 128 12.64 -6.57 2.23
N GLU A 129 12.79 -5.32 2.68
CA GLU A 129 11.63 -4.44 2.80
C GLU A 129 11.11 -4.11 1.41
N LEU A 130 9.78 -4.06 1.29
CA LEU A 130 9.13 -3.65 0.06
C LEU A 130 8.90 -2.14 0.13
N THR A 131 9.29 -1.43 -0.93
CA THR A 131 9.08 0.01 -1.00
C THR A 131 8.50 0.39 -2.36
N TYR A 132 8.08 1.65 -2.48
CA TYR A 132 7.82 2.23 -3.80
C TYR A 132 7.81 3.75 -3.70
N ASP A 133 7.83 4.39 -4.85
CA ASP A 133 7.93 5.84 -4.93
C ASP A 133 6.55 6.47 -4.77
N TYR A 134 6.47 7.47 -3.90
CA TYR A 134 5.20 8.11 -3.55
C TYR A 134 4.77 9.16 -4.57
N ALA A 135 5.70 9.99 -5.04
CA ALA A 135 5.32 11.14 -5.88
C ALA A 135 6.40 11.50 -6.89
N VAL B 6 2.61 9.66 -0.97
CA VAL B 6 1.32 9.12 -1.38
C VAL B 6 0.43 8.96 -0.15
N ARG B 8 -0.97 9.95 3.74
CA ARG B 8 -1.35 11.14 4.53
C ARG B 8 -1.66 12.31 3.61
N CYS B 9 -2.49 12.06 2.59
CA CYS B 9 -2.99 13.09 1.68
C CYS B 9 -4.06 12.51 0.78
#